data_2BVL
#
_entry.id   2BVL
#
_cell.length_a   63.010
_cell.length_b   95.797
_cell.length_c   112.915
_cell.angle_alpha   90.00
_cell.angle_beta   90.00
_cell.angle_gamma   90.00
#
_symmetry.space_group_name_H-M   'P 21 21 21'
#
loop_
_entity.id
_entity.type
_entity.pdbx_description
1 polymer 'TOXIN B'
2 non-polymer 'MANGANESE (II) ION'
3 non-polymer "URIDINE-5'-DIPHOSPHATE"
4 non-polymer alpha-D-glucopyranose
5 non-polymer 'SULFATE ION'
6 non-polymer 'HEXATANTALUM DODECABROMIDE'
7 water water
#
_entity_poly.entity_id   1
_entity_poly.type   'polypeptide(L)'
_entity_poly.pdbx_seq_one_letter_code
;MSLVNRKQLEKMANVRFRTQEDEYVAILDALEEYHNMSENTVVEKYLKLKDINSLTDICIDTYKKSGRNKALKKFKEYLV
TEVLELKNNNLTPVEKNLHFVWIGGQINDTAINYINQWKDVNSDYNVNVFYDSNAFLINTLKKTVVESAINDTLESFREN
LNDPRFDYNKFFRKRMEIIYDKQKNFINYYKAQREENPELIIDDIVKTYLSNEYSKEIDELNTYIEESLNKITQNSGNDV
RNFGEFKNGESFNLYEQELVERWNLAAASDILRISALKEIGGMYLDVDMLPGIQPDLFESIEKPSSVTVDFWEMTKLEAI
MKYKEYIPEYTSEHFDMLDEEVQSSFESVLASKSDKSEIFSSLGDMEASPLEVKIAFNSKGIINQGLISVKDSYCSNLIV
KQIENRYKILNNSLNPAISEDNDFNTTTNTFIDSIMAEANADNGRFMMELGKYLRVGFFPDVKTTINLSGPEAYAAAYQD
LLMFKEGSMNIHLIEADLRNFEISKTNISQSTEQEMASLWSFDDARAKAQFEEYKRNYFEGAL
;
_entity_poly.pdbx_strand_id   A
#
# COMPACT_ATOMS: atom_id res chain seq x y z
N MET A 1 27.74 17.63 -13.37
CA MET A 1 26.42 16.97 -13.09
C MET A 1 25.43 17.12 -14.25
N SER A 2 25.61 18.19 -15.03
CA SER A 2 24.88 18.41 -16.26
C SER A 2 25.04 17.14 -17.12
N LEU A 3 24.01 16.75 -17.87
CA LEU A 3 24.29 15.70 -18.86
C LEU A 3 24.67 16.25 -20.24
N VAL A 4 25.27 15.37 -21.03
CA VAL A 4 26.05 15.76 -22.21
C VAL A 4 25.32 16.70 -23.15
N ASN A 5 26.08 17.57 -23.79
CA ASN A 5 25.52 18.44 -24.81
C ASN A 5 25.59 17.72 -26.15
N ARG A 6 25.10 18.38 -27.20
CA ARG A 6 25.14 17.82 -28.55
C ARG A 6 26.55 17.42 -28.98
N LYS A 7 27.51 18.34 -28.88
CA LYS A 7 28.89 18.08 -29.33
C LYS A 7 29.55 16.90 -28.61
N GLN A 8 29.39 16.85 -27.29
CA GLN A 8 29.87 15.74 -26.49
C GLN A 8 29.27 14.40 -26.92
N LEU A 9 27.97 14.39 -27.23
CA LEU A 9 27.36 13.18 -27.79
C LEU A 9 27.82 12.81 -29.21
N GLU A 10 28.14 13.81 -30.05
CA GLU A 10 28.65 13.51 -31.39
C GLU A 10 30.06 12.91 -31.33
N LYS A 11 30.86 13.37 -30.37
CA LYS A 11 32.18 12.78 -30.11
C LYS A 11 32.01 11.32 -29.69
N MET A 12 31.19 11.09 -28.67
CA MET A 12 30.92 9.73 -28.19
C MET A 12 30.53 8.78 -29.31
N ALA A 13 29.52 9.17 -30.08
CA ALA A 13 28.87 8.27 -31.03
C ALA A 13 29.47 8.37 -32.44
N ASN A 14 30.61 9.04 -32.53
CA ASN A 14 31.32 9.23 -33.78
C ASN A 14 31.79 7.91 -34.41
N VAL A 15 31.63 7.81 -35.72
CA VAL A 15 32.21 6.70 -36.47
C VAL A 15 32.63 7.26 -37.80
N ARG A 16 33.94 7.19 -38.05
CA ARG A 16 34.54 7.86 -39.17
C ARG A 16 33.85 7.41 -40.44
N PHE A 17 33.62 8.39 -41.31
CA PHE A 17 33.03 8.22 -42.65
C PHE A 17 31.56 7.80 -42.66
N ARG A 18 30.90 7.84 -41.50
CA ARG A 18 29.47 7.55 -41.45
C ARG A 18 28.71 8.85 -41.24
N THR A 19 27.71 9.08 -42.14
CA THR A 19 26.98 10.33 -42.07
C THR A 19 25.95 10.22 -40.99
N GLN A 20 25.58 11.39 -40.44
CA GLN A 20 24.55 11.43 -39.46
C GLN A 20 23.24 11.05 -40.16
N GLU A 21 22.69 9.91 -39.73
CA GLU A 21 21.39 9.41 -40.22
C GLU A 21 20.29 10.25 -39.61
N ASP A 22 19.11 10.22 -40.23
CA ASP A 22 17.99 11.07 -39.79
C ASP A 22 17.64 10.82 -38.35
N GLU A 23 17.54 9.53 -38.00
CA GLU A 23 17.16 9.13 -36.67
C GLU A 23 18.26 9.43 -35.64
N TYR A 24 19.51 9.45 -36.09
CA TYR A 24 20.62 9.95 -35.28
C TYR A 24 20.54 11.47 -35.06
N VAL A 25 20.32 12.20 -36.15
CA VAL A 25 20.19 13.66 -36.13
C VAL A 25 19.07 14.10 -35.20
N ALA A 26 17.96 13.35 -35.24
CA ALA A 26 16.79 13.62 -34.42
C ALA A 26 17.08 13.65 -32.92
N ILE A 27 17.92 12.72 -32.46
CA ILE A 27 18.38 12.64 -31.07
C ILE A 27 19.16 13.89 -30.74
N LEU A 28 20.03 14.26 -31.67
CA LEU A 28 20.95 15.37 -31.53
C LEU A 28 20.21 16.70 -31.43
N ASP A 29 19.22 16.89 -32.30
CA ASP A 29 18.32 18.06 -32.25
C ASP A 29 17.55 18.11 -30.92
N ALA A 30 16.98 16.96 -30.55
CA ALA A 30 16.19 16.86 -29.33
C ALA A 30 17.01 17.16 -28.07
N LEU A 31 18.28 16.76 -28.10
CA LEU A 31 19.19 16.98 -26.99
C LEU A 31 19.52 18.46 -26.84
N GLU A 32 19.79 19.13 -27.97
CA GLU A 32 20.08 20.56 -27.92
C GLU A 32 18.88 21.36 -27.42
N GLU A 33 17.69 21.01 -27.91
CA GLU A 33 16.41 21.51 -27.37
C GLU A 33 16.28 21.37 -25.85
N TYR A 34 16.66 20.21 -25.33
CA TYR A 34 16.59 19.95 -23.90
C TYR A 34 17.43 20.94 -23.12
N HIS A 35 18.58 21.29 -23.68
CA HIS A 35 19.49 22.23 -23.04
C HIS A 35 19.07 23.69 -23.17
N ASN A 36 18.01 23.93 -23.94
CA ASN A 36 17.43 25.26 -24.10
C ASN A 36 16.18 25.44 -23.22
N MET A 37 15.99 24.56 -22.27
CA MET A 37 14.72 24.49 -21.53
C MET A 37 14.79 25.03 -20.11
N SER A 38 15.79 25.88 -19.82
CA SER A 38 15.99 26.42 -18.47
C SER A 38 14.69 26.82 -17.77
N GLU A 39 13.81 27.54 -18.50
CA GLU A 39 12.59 28.12 -17.91
C GLU A 39 11.34 27.21 -17.88
N ASN A 40 11.48 25.97 -18.34
CA ASN A 40 10.38 24.99 -18.34
C ASN A 40 10.20 24.32 -16.98
N THR A 41 9.03 23.71 -16.79
CA THR A 41 8.74 22.90 -15.60
C THR A 41 9.61 21.63 -15.62
N VAL A 42 9.85 21.04 -14.44
CA VAL A 42 10.55 19.75 -14.34
C VAL A 42 9.84 18.68 -15.20
N VAL A 43 8.51 18.66 -15.14
CA VAL A 43 7.70 17.69 -15.88
C VAL A 43 7.90 17.82 -17.39
N GLU A 44 7.96 19.07 -17.86
CA GLU A 44 8.26 19.35 -19.26
C GLU A 44 9.62 18.81 -19.67
N LYS A 45 10.62 19.03 -18.82
CA LYS A 45 11.95 18.48 -19.05
C LYS A 45 11.98 16.94 -19.00
N TYR A 46 11.26 16.34 -18.03
CA TYR A 46 11.16 14.87 -17.99
C TYR A 46 10.59 14.33 -19.31
N LEU A 47 9.51 14.93 -19.77
CA LEU A 47 8.86 14.52 -21.00
C LEU A 47 9.78 14.65 -22.23
N LYS A 48 10.68 15.64 -22.20
CA LYS A 48 11.70 15.83 -23.23
C LYS A 48 12.72 14.70 -23.21
N LEU A 49 13.27 14.44 -22.02
CA LEU A 49 14.17 13.29 -21.88
C LEU A 49 13.50 12.00 -22.35
N LYS A 50 12.21 11.83 -22.01
CA LYS A 50 11.44 10.68 -22.44
C LYS A 50 11.42 10.53 -23.97
N ASP A 51 11.20 11.65 -24.66
CA ASP A 51 11.22 11.64 -26.11
C ASP A 51 12.63 11.40 -26.66
N ILE A 52 13.63 12.04 -26.04
CA ILE A 52 15.04 11.78 -26.41
C ILE A 52 15.33 10.30 -26.29
N ASN A 53 14.84 9.69 -25.20
CA ASN A 53 15.02 8.25 -24.99
C ASN A 53 14.36 7.42 -26.06
N SER A 54 13.10 7.74 -26.34
CA SER A 54 12.38 7.05 -27.40
C SER A 54 13.06 7.18 -28.80
N LEU A 55 13.59 8.35 -29.14
CA LEU A 55 14.33 8.54 -30.40
C LEU A 55 15.62 7.72 -30.49
N THR A 56 16.22 7.51 -29.32
CA THR A 56 17.46 6.75 -29.22
C THR A 56 17.21 5.27 -29.46
N ASP A 57 16.16 4.74 -28.86
CA ASP A 57 15.73 3.35 -29.10
C ASP A 57 15.44 3.10 -30.57
N ILE A 58 14.71 3.99 -31.21
CA ILE A 58 14.43 3.92 -32.65
C ILE A 58 15.72 3.81 -33.48
N CYS A 59 16.68 4.66 -33.17
CA CYS A 59 17.93 4.72 -33.92
C CYS A 59 18.67 3.41 -33.77
N ILE A 60 18.64 2.87 -32.54
CA ILE A 60 19.35 1.65 -32.21
C ILE A 60 18.74 0.48 -32.96
N ASP A 61 17.42 0.41 -33.01
CA ASP A 61 16.72 -0.65 -33.72
C ASP A 61 16.80 -0.53 -35.23
N THR A 62 16.83 0.71 -35.72
CA THR A 62 16.90 0.96 -37.15
C THR A 62 18.25 0.52 -37.71
N TYR A 63 19.32 0.77 -36.97
CA TYR A 63 20.68 0.40 -37.40
C TYR A 63 21.37 -0.45 -36.36
N LYS A 64 21.10 -1.75 -36.40
CA LYS A 64 21.50 -2.66 -35.31
C LYS A 64 23.00 -3.02 -35.30
N LYS A 65 23.68 -2.87 -36.43
CA LYS A 65 25.12 -3.14 -36.48
C LYS A 65 25.97 -1.87 -36.40
N SER A 66 25.32 -0.74 -36.09
CA SER A 66 25.98 0.58 -36.08
C SER A 66 27.07 0.73 -35.02
N GLY A 67 28.19 1.33 -35.46
CA GLY A 67 29.28 1.69 -34.56
C GLY A 67 28.87 2.72 -33.53
N ARG A 68 27.63 3.23 -33.66
CA ARG A 68 27.11 4.27 -32.79
C ARG A 68 26.45 3.70 -31.56
N ASN A 69 26.02 2.44 -31.64
CA ASN A 69 25.12 1.86 -30.64
C ASN A 69 25.69 1.74 -29.22
N LYS A 70 26.95 1.32 -29.11
CA LYS A 70 27.64 1.27 -27.84
C LYS A 70 27.52 2.63 -27.14
N ALA A 71 27.80 3.71 -27.88
CA ALA A 71 27.69 5.07 -27.31
C ALA A 71 26.23 5.50 -27.08
N LEU A 72 25.34 5.02 -27.93
CA LEU A 72 23.93 5.36 -27.77
C LEU A 72 23.36 4.70 -26.53
N LYS A 73 23.81 3.48 -26.22
CA LYS A 73 23.39 2.76 -25.01
C LYS A 73 23.95 3.44 -23.75
N LYS A 74 25.21 3.87 -23.83
CA LYS A 74 25.80 4.71 -22.81
C LYS A 74 24.97 5.97 -22.58
N PHE A 75 24.58 6.62 -23.68
CA PHE A 75 23.75 7.85 -23.65
C PHE A 75 22.43 7.63 -22.92
N LYS A 76 21.82 6.47 -23.12
CA LYS A 76 20.59 6.08 -22.38
C LYS A 76 20.75 5.99 -20.87
N GLU A 77 21.94 5.58 -20.41
CA GLU A 77 22.24 5.53 -18.98
C GLU A 77 22.31 6.96 -18.46
N TYR A 78 22.90 7.84 -19.29
CA TYR A 78 23.00 9.25 -18.97
C TYR A 78 21.64 9.90 -18.83
N LEU A 79 20.70 9.53 -19.70
CA LEU A 79 19.32 10.03 -19.61
C LEU A 79 18.69 9.71 -18.25
N VAL A 80 18.84 8.46 -17.78
CA VAL A 80 18.33 8.06 -16.46
C VAL A 80 18.96 8.89 -15.31
N THR A 81 20.29 9.01 -15.34
CA THR A 81 21.02 9.82 -14.38
C THR A 81 20.49 11.26 -14.35
N GLU A 82 20.17 11.79 -15.54
CA GLU A 82 19.57 13.11 -15.67
C GLU A 82 18.18 13.20 -15.04
N VAL A 83 17.38 12.14 -15.16
CA VAL A 83 16.08 12.14 -14.47
C VAL A 83 16.29 12.28 -12.96
N LEU A 84 17.30 11.58 -12.44
CA LEU A 84 17.60 11.64 -10.99
C LEU A 84 18.13 13.00 -10.58
N GLU A 85 19.01 13.59 -11.41
CA GLU A 85 19.41 14.99 -11.27
C GLU A 85 18.19 15.94 -11.22
N LEU A 86 17.33 15.87 -12.24
CA LEU A 86 16.09 16.64 -12.29
C LEU A 86 15.28 16.46 -11.01
N LYS A 87 15.09 15.20 -10.62
CA LYS A 87 14.32 14.83 -9.45
C LYS A 87 14.91 15.44 -8.18
N ASN A 88 16.24 15.41 -8.06
CA ASN A 88 16.89 15.80 -6.81
C ASN A 88 17.18 17.27 -6.63
N ASN A 89 17.01 18.04 -7.70
CA ASN A 89 17.45 19.43 -7.69
C ASN A 89 16.37 20.47 -7.84
N ASN A 90 15.14 20.03 -8.07
CA ASN A 90 14.08 20.99 -8.35
C ASN A 90 12.86 20.74 -7.47
N LEU A 91 13.08 20.99 -6.19
CA LEU A 91 12.15 20.59 -5.15
C LEU A 91 11.11 21.67 -4.91
N THR A 92 9.86 21.24 -4.73
CA THR A 92 8.79 22.16 -4.39
C THR A 92 8.17 21.73 -3.05
N PRO A 93 7.57 22.68 -2.32
CA PRO A 93 7.02 22.36 -1.00
C PRO A 93 5.95 21.26 -1.02
N VAL A 94 6.05 20.37 -0.05
CA VAL A 94 5.00 19.36 0.17
C VAL A 94 3.87 19.99 1.00
N GLU A 95 2.65 19.91 0.49
CA GLU A 95 1.48 20.44 1.16
C GLU A 95 1.40 19.83 2.57
N LYS A 96 1.13 20.67 3.58
CA LYS A 96 1.15 20.23 4.98
C LYS A 96 -0.13 19.47 5.36
N ASN A 97 -0.30 18.30 4.76
CA ASN A 97 -1.41 17.41 5.04
C ASN A 97 -0.89 16.05 5.44
N LEU A 98 -1.43 15.53 6.54
CA LEU A 98 -1.27 14.13 6.88
C LEU A 98 -2.56 13.41 6.57
N HIS A 99 -2.47 12.35 5.78
CA HIS A 99 -3.61 11.59 5.36
C HIS A 99 -3.54 10.20 6.01
N PHE A 100 -4.54 9.88 6.84
CA PHE A 100 -4.74 8.53 7.36
C PHE A 100 -5.99 7.97 6.67
N VAL A 101 -6.13 6.65 6.66
CA VAL A 101 -7.32 6.02 6.13
C VAL A 101 -7.82 5.02 7.15
N TRP A 102 -9.11 5.09 7.46
CA TRP A 102 -9.77 4.06 8.25
C TRP A 102 -11.20 3.91 7.78
N ILE A 103 -11.43 2.85 7.01
CA ILE A 103 -12.72 2.58 6.37
C ILE A 103 -13.27 1.22 6.81
N GLY A 104 -14.60 1.06 6.74
CA GLY A 104 -15.26 -0.22 6.96
C GLY A 104 -15.81 -0.45 8.34
N GLY A 105 -15.61 0.51 9.24
CA GLY A 105 -16.05 0.33 10.60
C GLY A 105 -15.53 1.38 11.54
N GLN A 106 -15.93 1.23 12.79
CA GLN A 106 -15.55 2.11 13.86
C GLN A 106 -14.04 2.00 14.09
N ILE A 107 -13.40 3.16 14.26
CA ILE A 107 -11.98 3.27 14.55
C ILE A 107 -11.77 3.08 16.06
N ASN A 108 -10.75 2.31 16.44
CA ASN A 108 -10.50 2.11 17.85
C ASN A 108 -9.62 3.19 18.46
N ASP A 109 -9.59 3.23 19.79
CA ASP A 109 -8.86 4.24 20.54
C ASP A 109 -7.36 4.19 20.27
N THR A 110 -6.82 2.98 20.20
CA THR A 110 -5.40 2.81 19.91
C THR A 110 -4.96 3.41 18.54
N ALA A 111 -5.80 3.28 17.53
CA ALA A 111 -5.52 3.96 16.25
C ALA A 111 -5.53 5.48 16.43
N ILE A 112 -6.43 5.98 17.26
CA ILE A 112 -6.52 7.42 17.48
C ILE A 112 -5.32 7.94 18.24
N ASN A 113 -4.92 7.16 19.26
CA ASN A 113 -3.73 7.43 20.05
C ASN A 113 -2.45 7.48 19.22
N TYR A 114 -2.31 6.59 18.22
CA TYR A 114 -1.17 6.67 17.30
C TYR A 114 -1.27 7.99 16.53
N ILE A 115 -2.46 8.28 16.01
CA ILE A 115 -2.73 9.50 15.23
C ILE A 115 -2.41 10.78 16.02
N ASN A 116 -2.80 10.81 17.29
CA ASN A 116 -2.53 11.96 18.12
C ASN A 116 -1.05 12.21 18.39
N GLN A 117 -0.20 11.20 18.27
CA GLN A 117 1.25 11.45 18.49
C GLN A 117 1.77 12.30 17.37
N TRP A 118 1.33 12.01 16.15
CA TRP A 118 1.62 12.82 14.98
C TRP A 118 1.05 14.23 15.13
N LYS A 119 -0.24 14.35 15.43
CA LYS A 119 -0.86 15.66 15.65
C LYS A 119 -0.05 16.44 16.67
N ASP A 120 0.24 15.80 17.79
CA ASP A 120 0.90 16.49 18.89
C ASP A 120 2.23 17.10 18.49
N VAL A 121 2.88 16.56 17.46
CA VAL A 121 4.24 17.01 17.13
C VAL A 121 4.33 17.71 15.75
N ASN A 122 3.16 17.85 15.12
CA ASN A 122 3.05 18.48 13.80
C ASN A 122 1.83 19.39 13.77
N SER A 123 1.80 20.40 14.64
CA SER A 123 0.65 21.27 14.76
C SER A 123 0.38 22.12 13.51
N ASP A 124 1.43 22.32 12.71
CA ASP A 124 1.34 23.04 11.44
C ASP A 124 0.76 22.17 10.30
N TYR A 125 0.33 20.96 10.65
CA TYR A 125 -0.21 20.02 9.66
C TYR A 125 -1.72 19.82 9.80
N ASN A 126 -2.42 19.88 8.66
CA ASN A 126 -3.83 19.52 8.60
C ASN A 126 -3.94 18.02 8.50
N VAL A 127 -4.77 17.44 9.36
CA VAL A 127 -4.93 15.99 9.38
C VAL A 127 -6.28 15.54 8.82
N ASN A 128 -6.21 14.59 7.89
CA ASN A 128 -7.38 13.86 7.39
C ASN A 128 -7.36 12.40 7.85
N VAL A 129 -8.47 11.95 8.41
CA VAL A 129 -8.68 10.55 8.62
C VAL A 129 -9.84 10.14 7.70
N PHE A 130 -9.49 9.64 6.53
CA PHE A 130 -10.49 9.27 5.56
C PHE A 130 -11.36 8.11 6.02
N TYR A 131 -12.67 8.26 5.86
CA TYR A 131 -13.61 7.21 6.14
C TYR A 131 -14.69 7.19 5.05
N ASP A 132 -15.52 6.15 5.06
CA ASP A 132 -16.63 6.04 4.14
C ASP A 132 -17.91 6.03 4.94
N SER A 133 -18.72 7.07 4.82
CA SER A 133 -19.93 7.18 5.63
C SER A 133 -21.06 6.27 5.17
N ASN A 134 -20.95 5.71 3.97
CA ASN A 134 -21.88 4.70 3.51
C ASN A 134 -21.53 3.29 4.03
N ALA A 135 -20.36 3.12 4.65
CA ALA A 135 -19.76 1.76 4.73
C ALA A 135 -19.12 1.40 6.05
N PHE A 136 -19.75 1.82 7.15
CA PHE A 136 -19.30 1.50 8.49
C PHE A 136 -19.57 0.05 8.92
N LEU A 137 -20.36 -0.69 8.15
CA LEU A 137 -20.79 -2.04 8.55
C LEU A 137 -20.05 -3.19 7.85
N ILE A 138 -19.14 -2.85 6.92
CA ILE A 138 -18.39 -3.88 6.19
C ILE A 138 -17.56 -4.77 7.13
N ASN A 139 -16.97 -4.16 8.16
CA ASN A 139 -16.18 -4.90 9.14
C ASN A 139 -17.02 -5.88 9.92
N THR A 140 -18.20 -5.42 10.35
CA THR A 140 -19.21 -6.27 10.97
C THR A 140 -19.70 -7.39 10.03
N LEU A 141 -20.00 -7.05 8.78
CA LEU A 141 -20.39 -8.06 7.78
C LEU A 141 -19.33 -9.20 7.65
N LYS A 142 -18.08 -8.82 7.42
CA LYS A 142 -16.99 -9.79 7.32
C LYS A 142 -16.86 -10.62 8.58
N LYS A 143 -16.80 -9.97 9.73
CA LYS A 143 -16.69 -10.67 11.00
C LYS A 143 -17.81 -11.72 11.17
N THR A 144 -19.04 -11.35 10.88
CA THR A 144 -20.22 -12.21 11.05
C THR A 144 -20.14 -13.39 10.07
N VAL A 145 -19.85 -13.10 8.81
CA VAL A 145 -19.75 -14.16 7.83
C VAL A 145 -18.63 -15.15 8.19
N VAL A 146 -17.42 -14.65 8.47
CA VAL A 146 -16.27 -15.51 8.85
C VAL A 146 -16.52 -16.36 10.12
N GLU A 147 -17.07 -15.77 11.18
CA GLU A 147 -17.42 -16.52 12.39
C GLU A 147 -18.48 -17.60 12.11
N SER A 148 -19.44 -17.28 11.26
CA SER A 148 -20.44 -18.26 10.84
C SER A 148 -19.74 -19.42 10.13
N ALA A 149 -18.85 -19.12 9.19
CA ALA A 149 -18.09 -20.16 8.47
C ALA A 149 -17.18 -20.97 9.42
N ILE A 150 -16.61 -20.33 10.43
CA ILE A 150 -15.76 -21.03 11.40
C ILE A 150 -16.55 -22.14 12.09
N ASN A 151 -17.71 -21.76 12.61
CA ASN A 151 -18.62 -22.71 13.24
C ASN A 151 -19.10 -23.82 12.30
N ASP A 152 -19.52 -23.49 11.09
CA ASP A 152 -19.94 -24.55 10.16
C ASP A 152 -18.80 -25.52 9.88
N THR A 153 -17.57 -25.02 9.82
CA THR A 153 -16.41 -25.86 9.48
C THR A 153 -16.07 -26.87 10.59
N LEU A 154 -16.07 -26.39 11.83
CA LEU A 154 -15.81 -27.27 12.97
C LEU A 154 -16.85 -28.38 13.06
N GLU A 155 -18.12 -28.03 12.80
CA GLU A 155 -19.22 -28.98 12.82
C GLU A 155 -19.17 -29.99 11.67
N SER A 156 -18.30 -29.74 10.70
CA SER A 156 -18.11 -30.63 9.58
C SER A 156 -17.06 -31.69 9.91
N PHE A 157 -15.94 -31.25 10.52
CA PHE A 157 -14.86 -32.15 10.89
C PHE A 157 -15.14 -32.92 12.20
N ARG A 158 -15.63 -32.20 13.21
CA ARG A 158 -15.98 -32.79 14.51
C ARG A 158 -14.81 -33.57 15.14
N GLU A 159 -15.03 -34.84 15.50
CA GLU A 159 -14.01 -35.65 16.16
C GLU A 159 -12.76 -35.91 15.31
N ASN A 160 -12.87 -35.78 14.00
CA ASN A 160 -11.69 -35.87 13.13
C ASN A 160 -10.66 -34.78 13.45
N LEU A 161 -11.10 -33.73 14.14
CA LEU A 161 -10.25 -32.64 14.63
C LEU A 161 -9.26 -33.09 15.71
N ASN A 162 -9.58 -34.16 16.44
CA ASN A 162 -8.72 -34.64 17.51
C ASN A 162 -7.48 -35.29 16.95
N ASP A 163 -7.60 -35.82 15.75
CA ASP A 163 -6.66 -36.82 15.31
C ASP A 163 -6.30 -36.71 13.83
N PRO A 164 -5.00 -36.93 13.51
CA PRO A 164 -3.96 -36.99 14.55
C PRO A 164 -3.57 -35.55 14.96
N ARG A 165 -2.40 -35.12 14.52
CA ARG A 165 -2.22 -33.73 14.21
C ARG A 165 -2.89 -33.57 12.83
N PHE A 166 -4.21 -33.44 12.87
CA PHE A 166 -5.02 -33.06 11.75
C PHE A 166 -4.42 -31.82 11.07
N ASP A 167 -4.30 -31.87 9.75
CA ASP A 167 -3.68 -30.79 8.97
C ASP A 167 -4.55 -29.52 8.96
N TYR A 168 -4.19 -28.51 9.75
CA TYR A 168 -4.98 -27.26 9.90
C TYR A 168 -5.32 -26.53 8.58
N ASN A 169 -4.54 -26.79 7.55
CA ASN A 169 -4.85 -26.27 6.22
C ASN A 169 -6.17 -26.80 5.65
N LYS A 170 -6.53 -28.03 6.02
CA LYS A 170 -7.86 -28.59 5.72
C LYS A 170 -8.99 -27.74 6.33
N PHE A 171 -8.81 -27.28 7.56
CA PHE A 171 -9.75 -26.35 8.15
C PHE A 171 -9.93 -25.09 7.29
N PHE A 172 -8.84 -24.38 6.99
CA PHE A 172 -8.99 -23.09 6.30
C PHE A 172 -9.49 -23.30 4.87
N ARG A 173 -9.15 -24.46 4.28
CA ARG A 173 -9.64 -24.85 2.96
C ARG A 173 -11.16 -25.01 2.94
N LYS A 174 -11.71 -25.85 3.81
CA LYS A 174 -13.16 -26.05 3.91
C LYS A 174 -13.87 -24.73 4.32
N ARG A 175 -13.26 -23.98 5.25
CA ARG A 175 -13.83 -22.69 5.65
C ARG A 175 -13.87 -21.70 4.47
N MET A 176 -12.89 -21.75 3.57
CA MET A 176 -12.91 -20.85 2.42
C MET A 176 -14.13 -21.12 1.53
N GLU A 177 -14.45 -22.40 1.36
CA GLU A 177 -15.55 -22.81 0.51
C GLU A 177 -16.88 -22.25 1.02
N ILE A 178 -17.05 -22.26 2.34
CA ILE A 178 -18.24 -21.76 3.03
C ILE A 178 -18.24 -20.22 3.01
N ILE A 179 -17.09 -19.59 3.26
CA ILE A 179 -16.97 -18.15 3.10
C ILE A 179 -17.30 -17.68 1.68
N TYR A 180 -16.73 -18.33 0.65
CA TYR A 180 -17.04 -17.96 -0.73
C TYR A 180 -18.55 -18.00 -1.02
N ASP A 181 -19.25 -19.04 -0.57
CA ASP A 181 -20.71 -19.19 -0.74
C ASP A 181 -21.54 -18.07 -0.06
N LYS A 182 -21.18 -17.73 1.17
CA LYS A 182 -21.87 -16.68 1.93
C LYS A 182 -21.63 -15.32 1.33
N GLN A 183 -20.38 -15.03 0.99
CA GLN A 183 -19.99 -13.80 0.34
C GLN A 183 -20.67 -13.61 -1.01
N LYS A 184 -20.74 -14.66 -1.80
CA LYS A 184 -21.44 -14.65 -3.08
C LYS A 184 -22.92 -14.35 -2.84
N ASN A 185 -23.51 -15.03 -1.86
CA ASN A 185 -24.87 -14.71 -1.40
C ASN A 185 -25.04 -13.21 -1.18
N PHE A 186 -24.11 -12.58 -0.46
CA PHE A 186 -24.24 -11.17 -0.15
C PHE A 186 -24.03 -10.30 -1.39
N ILE A 187 -22.98 -10.60 -2.15
CA ILE A 187 -22.71 -9.86 -3.37
C ILE A 187 -23.95 -9.90 -4.30
N ASN A 188 -24.51 -11.09 -4.48
CA ASN A 188 -25.73 -11.23 -5.26
C ASN A 188 -26.86 -10.33 -4.72
N TYR A 189 -26.98 -10.26 -3.41
CA TYR A 189 -28.02 -9.47 -2.78
C TYR A 189 -27.78 -7.98 -2.98
N TYR A 190 -26.53 -7.57 -2.82
CA TYR A 190 -26.13 -6.19 -3.00
C TYR A 190 -26.45 -5.74 -4.42
N LYS A 191 -26.05 -6.54 -5.41
CA LYS A 191 -26.27 -6.16 -6.80
C LYS A 191 -27.76 -6.13 -7.15
N ALA A 192 -28.54 -7.05 -6.58
CA ALA A 192 -29.98 -7.07 -6.83
C ALA A 192 -30.64 -5.83 -6.23
N GLN A 193 -30.21 -5.46 -5.03
CA GLN A 193 -30.74 -4.29 -4.34
C GLN A 193 -30.38 -2.97 -5.01
N ARG A 194 -29.14 -2.84 -5.45
CA ARG A 194 -28.67 -1.64 -6.16
C ARG A 194 -29.44 -1.42 -7.45
N GLU A 195 -29.80 -2.50 -8.12
CA GLU A 195 -30.44 -2.43 -9.42
C GLU A 195 -31.94 -2.27 -9.30
N GLU A 196 -32.44 -2.53 -8.10
CA GLU A 196 -33.84 -2.39 -7.79
C GLU A 196 -34.10 -0.99 -7.25
N ASN A 197 -33.17 -0.49 -6.46
CA ASN A 197 -33.27 0.83 -5.82
C ASN A 197 -31.87 1.47 -5.76
N PRO A 198 -31.48 2.22 -6.80
CA PRO A 198 -30.15 2.82 -6.81
C PRO A 198 -29.90 3.88 -5.72
N GLU A 199 -30.94 4.31 -5.02
CA GLU A 199 -30.79 5.29 -3.94
C GLU A 199 -30.17 4.68 -2.66
N LEU A 200 -30.26 3.35 -2.52
CA LEU A 200 -29.77 2.63 -1.32
C LEU A 200 -28.26 2.72 -1.16
N ILE A 201 -27.81 3.00 0.07
CA ILE A 201 -26.39 2.95 0.38
C ILE A 201 -25.93 1.57 0.86
N ILE A 202 -24.64 1.29 0.72
CA ILE A 202 -24.02 0.07 1.22
C ILE A 202 -24.56 -0.30 2.61
N ASP A 203 -24.52 0.62 3.58
CA ASP A 203 -24.87 0.26 4.95
C ASP A 203 -26.34 -0.13 5.09
N ASP A 204 -27.21 0.51 4.30
CA ASP A 204 -28.64 0.17 4.31
C ASP A 204 -28.80 -1.27 3.89
N ILE A 205 -28.11 -1.62 2.80
CA ILE A 205 -28.14 -2.97 2.27
C ILE A 205 -27.50 -3.96 3.22
N VAL A 206 -26.39 -3.56 3.85
CA VAL A 206 -25.67 -4.47 4.75
C VAL A 206 -26.49 -4.78 6.02
N LYS A 207 -27.00 -3.75 6.68
CA LYS A 207 -27.83 -3.99 7.86
C LYS A 207 -29.12 -4.76 7.54
N THR A 208 -29.73 -4.54 6.37
CA THR A 208 -30.89 -5.33 6.00
C THR A 208 -30.46 -6.77 5.83
N TYR A 209 -29.35 -6.99 5.11
CA TYR A 209 -28.76 -8.31 4.99
C TYR A 209 -28.42 -8.97 6.34
N LEU A 210 -27.80 -8.23 7.24
CA LEU A 210 -27.41 -8.79 8.55
C LEU A 210 -28.62 -9.16 9.37
N SER A 211 -29.65 -8.33 9.26
CA SER A 211 -30.91 -8.58 9.93
C SER A 211 -31.61 -9.80 9.34
N ASN A 212 -31.71 -9.85 8.01
CA ASN A 212 -32.35 -10.98 7.36
C ASN A 212 -31.64 -12.31 7.60
N GLU A 213 -30.31 -12.32 7.40
CA GLU A 213 -29.51 -13.54 7.37
C GLU A 213 -28.87 -13.99 8.71
N TYR A 214 -28.56 -13.05 9.60
CA TYR A 214 -27.80 -13.34 10.83
C TYR A 214 -28.51 -12.85 12.06
N SER A 215 -29.79 -12.51 11.88
CA SER A 215 -30.66 -12.04 12.96
C SER A 215 -30.03 -10.96 13.86
N LYS A 216 -29.41 -9.97 13.22
CA LYS A 216 -28.87 -8.79 13.90
C LYS A 216 -29.98 -7.77 14.15
N GLU A 217 -29.83 -6.98 15.22
CA GLU A 217 -30.77 -5.93 15.53
C GLU A 217 -30.40 -4.67 14.80
N ILE A 218 -31.23 -4.23 13.86
CA ILE A 218 -30.89 -3.05 13.06
C ILE A 218 -30.85 -1.78 13.92
N ASP A 219 -31.62 -1.74 15.00
CA ASP A 219 -31.50 -0.65 15.96
C ASP A 219 -30.05 -0.55 16.46
N GLU A 220 -29.47 -1.69 16.82
CA GLU A 220 -28.10 -1.76 17.32
C GLU A 220 -27.10 -1.38 16.25
N LEU A 221 -27.23 -1.98 15.07
CA LEU A 221 -26.43 -1.58 13.90
C LEU A 221 -26.52 -0.07 13.61
N ASN A 222 -27.73 0.49 13.70
CA ASN A 222 -27.94 1.94 13.59
C ASN A 222 -27.16 2.75 14.60
N THR A 223 -27.21 2.32 15.86
CA THR A 223 -26.50 3.01 16.95
C THR A 223 -24.96 2.95 16.74
N TYR A 224 -24.47 1.82 16.21
CA TYR A 224 -23.06 1.67 15.88
C TYR A 224 -22.64 2.62 14.76
N ILE A 225 -23.48 2.74 13.72
CA ILE A 225 -23.22 3.69 12.64
C ILE A 225 -23.13 5.08 13.23
N GLU A 226 -24.12 5.41 14.08
CA GLU A 226 -24.17 6.69 14.79
C GLU A 226 -22.87 6.95 15.53
N GLU A 227 -22.44 5.97 16.31
CA GLU A 227 -21.28 6.13 17.18
C GLU A 227 -20.00 6.24 16.35
N SER A 228 -19.85 5.36 15.36
CA SER A 228 -18.75 5.45 14.44
C SER A 228 -18.67 6.82 13.75
N LEU A 229 -19.79 7.31 13.21
CA LEU A 229 -19.80 8.59 12.50
C LEU A 229 -19.38 9.71 13.44
N ASN A 230 -19.92 9.72 14.65
CA ASN A 230 -19.59 10.78 15.59
C ASN A 230 -18.11 10.75 15.96
N LYS A 231 -17.60 9.55 16.22
CA LYS A 231 -16.22 9.39 16.66
C LYS A 231 -15.21 9.88 15.62
N ILE A 232 -15.38 9.47 14.36
CA ILE A 232 -14.49 9.87 13.29
C ILE A 232 -14.59 11.36 12.96
N THR A 233 -15.81 11.90 12.97
CA THR A 233 -16.06 13.36 12.89
C THR A 233 -15.27 14.17 13.92
N GLN A 234 -15.13 13.62 15.13
CA GLN A 234 -14.40 14.27 16.22
C GLN A 234 -12.89 14.07 16.09
N ASN A 235 -12.48 13.30 15.10
CA ASN A 235 -11.09 12.93 14.96
C ASN A 235 -10.63 13.15 13.51
N SER A 236 -10.89 14.35 13.02
CA SER A 236 -10.42 14.85 11.73
C SER A 236 -10.96 14.06 10.54
N GLY A 237 -12.12 13.43 10.73
CA GLY A 237 -12.72 12.59 9.70
C GLY A 237 -12.92 13.34 8.40
N ASN A 238 -12.70 12.66 7.30
CA ASN A 238 -12.92 13.24 5.98
C ASN A 238 -13.60 12.17 5.12
N ASP A 239 -14.82 12.47 4.69
CA ASP A 239 -15.66 11.49 4.03
C ASP A 239 -15.26 11.25 2.58
N VAL A 240 -14.92 10.00 2.26
CA VAL A 240 -14.68 9.56 0.87
C VAL A 240 -15.84 9.95 -0.05
N ARG A 241 -17.05 10.01 0.53
CA ARG A 241 -18.25 10.25 -0.26
C ARG A 241 -18.36 11.70 -0.71
N ASN A 242 -17.46 12.53 -0.20
CA ASN A 242 -17.36 13.94 -0.57
C ASN A 242 -16.14 14.20 -1.45
N PHE A 243 -15.27 13.20 -1.60
CA PHE A 243 -14.06 13.31 -2.42
C PHE A 243 -14.48 13.10 -3.88
N GLY A 244 -14.91 14.19 -4.52
CA GLY A 244 -15.50 14.14 -5.86
C GLY A 244 -14.62 13.57 -6.96
N GLU A 245 -13.35 13.95 -6.96
CA GLU A 245 -12.39 13.55 -7.97
C GLU A 245 -12.20 12.04 -7.91
N PHE A 246 -12.17 11.52 -6.69
CA PHE A 246 -12.06 10.09 -6.47
C PHE A 246 -13.32 9.34 -6.89
N LYS A 247 -14.48 9.75 -6.35
CA LYS A 247 -15.81 9.24 -6.76
C LYS A 247 -16.07 9.12 -8.29
N ASN A 248 -15.66 10.14 -9.04
CA ASN A 248 -15.95 10.16 -10.46
C ASN A 248 -14.84 9.60 -11.35
N GLY A 249 -13.75 9.16 -10.73
CA GLY A 249 -12.65 8.62 -11.50
C GLY A 249 -12.78 7.14 -11.75
N GLU A 250 -11.79 6.59 -12.46
CA GLU A 250 -11.80 5.20 -12.89
C GLU A 250 -11.39 4.23 -11.78
N SER A 251 -10.99 4.75 -10.62
CA SER A 251 -10.54 3.89 -9.52
C SER A 251 -11.62 3.64 -8.49
N PHE A 252 -12.70 4.41 -8.57
CA PHE A 252 -13.70 4.28 -7.58
C PHE A 252 -14.39 2.93 -7.63
N ASN A 253 -14.59 2.39 -8.82
CA ASN A 253 -15.18 1.08 -8.97
C ASN A 253 -14.31 -0.03 -8.36
N LEU A 254 -13.00 0.16 -8.43
CA LEU A 254 -12.00 -0.73 -7.83
C LEU A 254 -12.07 -0.66 -6.31
N TYR A 255 -12.11 0.56 -5.79
CA TYR A 255 -12.29 0.82 -4.39
C TYR A 255 -13.50 0.03 -3.84
N GLU A 256 -14.67 0.24 -4.46
CA GLU A 256 -15.93 -0.41 -4.04
C GLU A 256 -15.93 -1.94 -4.21
N GLN A 257 -15.28 -2.43 -5.27
CA GLN A 257 -15.05 -3.86 -5.44
C GLN A 257 -14.34 -4.44 -4.22
N GLU A 258 -13.28 -3.79 -3.74
CA GLU A 258 -12.56 -4.27 -2.57
C GLU A 258 -13.35 -4.07 -1.30
N LEU A 259 -14.04 -2.94 -1.21
CA LEU A 259 -14.82 -2.60 -0.03
C LEU A 259 -16.07 -3.52 0.15
N VAL A 260 -16.93 -3.55 -0.85
CA VAL A 260 -18.22 -4.21 -0.75
C VAL A 260 -18.14 -5.71 -1.13
N GLU A 261 -17.40 -6.05 -2.18
CA GLU A 261 -17.37 -7.44 -2.62
C GLU A 261 -16.31 -8.32 -1.94
N ARG A 262 -15.07 -7.84 -1.88
CA ARG A 262 -13.94 -8.63 -1.36
C ARG A 262 -13.68 -8.41 0.13
N TRP A 263 -14.25 -7.35 0.67
CA TRP A 263 -14.09 -7.01 2.10
C TRP A 263 -12.61 -6.85 2.46
N ASN A 264 -11.87 -6.23 1.54
CA ASN A 264 -10.44 -6.05 1.77
C ASN A 264 -10.23 -4.57 1.97
N LEU A 265 -10.21 -4.14 3.24
CA LEU A 265 -10.04 -2.75 3.58
C LEU A 265 -8.64 -2.24 3.28
N ALA A 266 -7.64 -3.10 3.31
CA ALA A 266 -6.29 -2.65 3.01
C ALA A 266 -6.12 -2.37 1.53
N ALA A 267 -6.74 -3.18 0.71
CA ALA A 267 -6.71 -2.94 -0.74
C ALA A 267 -7.51 -1.69 -1.08
N ALA A 268 -8.67 -1.52 -0.43
CA ALA A 268 -9.50 -0.32 -0.63
C ALA A 268 -8.73 0.91 -0.23
N SER A 269 -8.06 0.85 0.92
CA SER A 269 -7.16 1.91 1.41
C SER A 269 -5.95 2.16 0.50
N ASP A 270 -5.40 1.12 -0.12
CA ASP A 270 -4.33 1.30 -1.13
C ASP A 270 -4.80 2.14 -2.29
N ILE A 271 -6.05 1.96 -2.68
CA ILE A 271 -6.59 2.64 -3.86
C ILE A 271 -6.88 4.11 -3.52
N LEU A 272 -7.44 4.31 -2.34
CA LEU A 272 -7.76 5.63 -1.83
C LEU A 272 -6.50 6.46 -1.62
N ARG A 273 -5.55 5.92 -0.86
CA ARG A 273 -4.38 6.71 -0.40
C ARG A 273 -3.66 7.46 -1.51
N ILE A 274 -3.46 6.78 -2.64
CA ILE A 274 -2.68 7.35 -3.74
C ILE A 274 -3.50 8.38 -4.50
N SER A 275 -4.81 8.16 -4.63
CA SER A 275 -5.68 9.21 -5.19
C SER A 275 -5.72 10.45 -4.30
N ALA A 276 -5.74 10.26 -2.99
CA ALA A 276 -5.67 11.37 -2.03
C ALA A 276 -4.36 12.14 -2.17
N LEU A 277 -3.26 11.42 -2.41
CA LEU A 277 -1.96 12.08 -2.58
C LEU A 277 -1.92 12.85 -3.89
N LYS A 278 -2.31 12.19 -4.98
CA LYS A 278 -2.40 12.83 -6.30
C LYS A 278 -3.24 14.11 -6.21
N GLU A 279 -4.43 14.02 -5.63
CA GLU A 279 -5.40 15.13 -5.65
C GLU A 279 -5.14 16.20 -4.60
N ILE A 280 -4.52 15.87 -3.48
CA ILE A 280 -4.37 16.85 -2.39
C ILE A 280 -2.90 17.16 -2.01
N GLY A 281 -2.01 16.17 -2.19
CA GLY A 281 -0.63 16.26 -1.74
C GLY A 281 -0.46 16.15 -0.24
N GLY A 282 0.75 15.81 0.18
CA GLY A 282 1.07 15.67 1.58
C GLY A 282 1.72 14.34 1.86
N MET A 283 1.47 13.82 3.05
CA MET A 283 2.11 12.60 3.49
C MET A 283 1.04 11.59 3.92
N TYR A 284 1.07 10.41 3.32
CA TYR A 284 0.19 9.33 3.77
C TYR A 284 0.85 8.44 4.83
N LEU A 285 0.07 8.08 5.84
CA LEU A 285 0.53 7.19 6.90
C LEU A 285 -0.52 6.10 7.23
N ASP A 286 -0.08 4.85 7.43
CA ASP A 286 -0.94 3.80 7.97
C ASP A 286 -1.15 4.17 9.45
N VAL A 287 -2.33 3.86 9.98
CA VAL A 287 -2.63 4.21 11.39
C VAL A 287 -1.77 3.46 12.45
N ASP A 288 -0.94 2.50 12.00
CA ASP A 288 -0.01 1.82 12.90
C ASP A 288 1.40 2.43 12.87
N MET A 289 1.58 3.50 12.09
CA MET A 289 2.88 4.19 12.02
C MET A 289 2.93 5.28 13.09
N LEU A 290 4.12 5.51 13.66
CA LEU A 290 4.34 6.59 14.64
C LEU A 290 5.39 7.61 14.16
N PRO A 291 5.42 8.84 14.76
CA PRO A 291 6.45 9.79 14.36
C PRO A 291 7.88 9.26 14.55
N GLY A 292 8.81 9.74 13.72
CA GLY A 292 10.24 9.50 13.91
C GLY A 292 10.67 9.87 15.32
N ILE A 293 11.56 9.06 15.89
CA ILE A 293 12.17 9.39 17.18
C ILE A 293 13.31 10.40 16.94
N GLN A 294 13.52 11.30 17.91
CA GLN A 294 14.61 12.25 17.83
C GLN A 294 15.91 11.45 17.71
N PRO A 295 16.72 11.70 16.66
CA PRO A 295 17.96 10.91 16.44
C PRO A 295 18.95 10.95 17.60
N ASP A 296 19.02 12.11 18.26
CA ASP A 296 19.91 12.34 19.39
C ASP A 296 19.41 11.65 20.67
N LEU A 297 18.15 11.22 20.68
CA LEU A 297 17.52 10.79 21.93
C LEU A 297 18.27 9.64 22.62
N PHE A 298 18.52 8.57 21.87
CA PHE A 298 19.09 7.36 22.45
C PHE A 298 20.55 7.07 22.10
N GLU A 299 21.23 8.06 21.53
CA GLU A 299 22.65 7.91 21.11
C GLU A 299 23.57 7.37 22.21
N SER A 300 23.34 7.80 23.46
CA SER A 300 24.19 7.40 24.58
C SER A 300 23.98 5.94 25.00
N ILE A 301 22.98 5.28 24.43
CA ILE A 301 22.68 3.91 24.80
C ILE A 301 23.12 2.99 23.68
N GLU A 302 24.08 2.13 23.94
CA GLU A 302 24.58 1.22 22.91
C GLU A 302 23.71 -0.04 22.76
N LYS A 303 23.37 -0.39 21.52
CA LYS A 303 22.68 -1.65 21.24
C LYS A 303 23.56 -2.80 21.69
N PRO A 304 23.05 -3.68 22.58
CA PRO A 304 23.80 -4.90 22.89
C PRO A 304 24.09 -5.68 21.61
N SER A 305 25.22 -6.37 21.56
CA SER A 305 25.63 -7.13 20.37
C SER A 305 24.70 -8.29 20.04
N SER A 306 24.03 -8.81 21.07
CA SER A 306 23.16 -9.99 20.99
C SER A 306 21.80 -9.72 20.34
N VAL A 307 21.46 -8.44 20.26
CA VAL A 307 20.14 -7.96 19.87
C VAL A 307 20.16 -7.43 18.44
N THR A 308 19.16 -7.82 17.63
CA THR A 308 19.07 -7.32 16.25
C THR A 308 18.60 -5.87 16.22
N VAL A 309 18.83 -5.22 15.08
CA VAL A 309 18.43 -3.84 14.83
C VAL A 309 16.92 -3.64 15.02
N ASP A 310 16.11 -4.47 14.38
CA ASP A 310 14.65 -4.32 14.45
C ASP A 310 14.13 -4.57 15.87
N PHE A 311 14.77 -5.49 16.60
CA PHE A 311 14.42 -5.65 18.01
C PHE A 311 14.68 -4.37 18.80
N TRP A 312 15.84 -3.73 18.55
CA TRP A 312 16.26 -2.52 19.25
C TRP A 312 15.33 -1.36 18.98
N GLU A 313 14.89 -1.27 17.72
CA GLU A 313 13.94 -0.24 17.28
C GLU A 313 12.58 -0.37 17.97
N MET A 314 12.12 -1.61 18.17
CA MET A 314 10.89 -1.85 18.92
C MET A 314 11.05 -1.44 20.37
N THR A 315 12.20 -1.76 20.98
CA THR A 315 12.40 -1.50 22.41
C THR A 315 12.50 0.00 22.70
N LYS A 316 12.98 0.78 21.74
CA LYS A 316 13.03 2.24 21.86
C LYS A 316 11.64 2.81 22.12
N LEU A 317 10.68 2.43 21.27
CA LEU A 317 9.29 2.89 21.42
C LEU A 317 8.65 2.35 22.69
N GLU A 318 8.87 1.06 22.94
CA GLU A 318 8.45 0.44 24.21
C GLU A 318 9.03 1.13 25.44
N ALA A 319 10.28 1.59 25.35
CA ALA A 319 10.87 2.38 26.44
C ALA A 319 10.11 3.70 26.60
N ILE A 320 9.91 4.40 25.49
CA ILE A 320 9.17 5.67 25.48
C ILE A 320 7.77 5.53 26.09
N MET A 321 7.02 4.54 25.65
CA MET A 321 5.64 4.34 26.09
C MET A 321 5.58 3.89 27.55
N LYS A 322 6.61 3.18 28.01
CA LYS A 322 6.67 2.77 29.43
C LYS A 322 6.78 3.95 30.39
N TYR A 323 7.77 4.82 30.15
CA TYR A 323 8.04 5.89 31.08
C TYR A 323 7.25 7.15 30.81
N LYS A 324 6.93 7.41 29.54
CA LYS A 324 6.15 8.58 29.17
C LYS A 324 4.65 8.33 29.09
N GLU A 325 4.24 7.08 28.84
CA GLU A 325 2.83 6.66 28.95
C GLU A 325 1.98 7.35 27.89
N TYR A 326 2.56 7.61 26.73
CA TYR A 326 1.88 8.40 25.71
C TYR A 326 0.67 7.68 25.15
N ILE A 327 0.74 6.33 25.17
CA ILE A 327 -0.26 5.50 24.52
C ILE A 327 -0.65 4.38 25.47
N PRO A 328 -1.89 4.42 26.00
CA PRO A 328 -2.37 3.33 26.83
C PRO A 328 -2.25 1.94 26.21
N GLU A 329 -1.98 0.98 27.09
CA GLU A 329 -1.90 -0.45 26.76
C GLU A 329 -0.70 -0.85 25.87
N TYR A 330 0.23 0.07 25.62
CA TYR A 330 1.38 -0.26 24.75
C TYR A 330 2.25 -1.33 25.39
N THR A 331 2.57 -2.36 24.61
CA THR A 331 3.37 -3.49 25.10
C THR A 331 4.76 -3.08 25.59
N SER A 332 5.28 -3.83 26.56
CA SER A 332 6.70 -3.74 26.90
C SER A 332 7.34 -5.11 26.83
N GLU A 333 6.78 -5.98 26.00
CA GLU A 333 7.28 -7.33 25.81
C GLU A 333 8.79 -7.39 25.58
N HIS A 334 9.29 -6.56 24.68
CA HIS A 334 10.71 -6.57 24.33
C HIS A 334 11.60 -5.80 25.29
N PHE A 335 11.20 -4.58 25.64
CA PHE A 335 11.96 -3.77 26.60
C PHE A 335 12.24 -4.56 27.88
N ASP A 336 11.24 -5.34 28.31
CA ASP A 336 11.34 -6.14 29.52
C ASP A 336 12.35 -7.31 29.42
N MET A 337 12.69 -7.70 28.19
CA MET A 337 13.66 -8.76 27.96
C MET A 337 15.08 -8.31 28.24
N LEU A 338 15.30 -6.99 28.27
CA LEU A 338 16.62 -6.39 28.46
C LEU A 338 17.20 -6.60 29.86
N ASP A 339 18.51 -6.42 29.97
CA ASP A 339 19.20 -6.41 31.26
C ASP A 339 18.78 -5.15 31.99
N GLU A 340 18.64 -5.24 33.30
CA GLU A 340 18.18 -4.12 34.13
C GLU A 340 19.01 -2.84 33.96
N GLU A 341 20.31 -3.00 33.70
CA GLU A 341 21.19 -1.86 33.44
C GLU A 341 20.77 -1.07 32.20
N VAL A 342 20.39 -1.77 31.13
CA VAL A 342 19.99 -1.11 29.90
C VAL A 342 18.62 -0.44 30.06
N GLN A 343 17.72 -1.10 30.80
CA GLN A 343 16.43 -0.53 31.17
C GLN A 343 16.60 0.78 31.95
N SER A 344 17.53 0.80 32.92
CA SER A 344 17.85 1.99 33.73
C SER A 344 18.39 3.14 32.89
N SER A 345 19.19 2.82 31.89
CA SER A 345 19.71 3.81 30.97
C SER A 345 18.59 4.50 30.20
N PHE A 346 17.57 3.72 29.83
CA PHE A 346 16.40 4.25 29.15
C PHE A 346 15.63 5.20 30.08
N GLU A 347 15.32 4.74 31.29
CA GLU A 347 14.50 5.56 32.20
C GLU A 347 15.21 6.80 32.66
N SER A 348 16.52 6.71 32.86
CA SER A 348 17.34 7.89 33.14
C SER A 348 17.38 8.88 31.96
N VAL A 349 17.48 8.37 30.74
CA VAL A 349 17.43 9.23 29.56
C VAL A 349 16.07 9.91 29.41
N LEU A 350 15.00 9.12 29.42
CA LEU A 350 13.65 9.66 29.26
C LEU A 350 13.29 10.62 30.39
N ALA A 351 13.81 10.35 31.59
CA ALA A 351 13.56 11.19 32.75
C ALA A 351 14.16 12.59 32.58
N SER A 352 15.24 12.69 31.82
CA SER A 352 15.92 13.96 31.61
C SER A 352 15.26 14.81 30.51
N LYS A 353 14.10 14.36 30.05
CA LYS A 353 13.33 15.08 29.04
C LYS A 353 11.97 15.46 29.63
N SER A 354 11.51 16.68 29.35
CA SER A 354 10.22 17.14 29.88
C SER A 354 9.11 17.29 28.83
N ASP A 355 9.45 17.11 27.55
CA ASP A 355 8.54 17.43 26.46
C ASP A 355 8.48 16.33 25.40
N LYS A 356 7.31 16.17 24.80
CA LYS A 356 7.10 15.22 23.70
C LYS A 356 7.93 15.61 22.47
N SER A 357 8.17 16.91 22.30
CA SER A 357 9.02 17.42 21.21
C SER A 357 10.50 17.02 21.36
N GLU A 358 10.94 16.77 22.60
CA GLU A 358 12.26 16.20 22.86
C GLU A 358 12.34 14.68 22.54
N ILE A 359 11.16 14.05 22.39
CA ILE A 359 11.05 12.61 22.16
C ILE A 359 10.85 12.24 20.68
N PHE A 360 9.82 12.80 20.06
CA PHE A 360 9.51 12.53 18.65
C PHE A 360 9.90 13.75 17.84
N SER A 361 10.44 13.52 16.64
CA SER A 361 10.78 14.63 15.79
C SER A 361 9.54 15.19 15.08
N SER A 362 9.61 16.45 14.67
CA SER A 362 8.59 17.03 13.80
C SER A 362 8.96 16.85 12.33
N LEU A 363 7.94 16.82 11.48
CA LEU A 363 8.17 16.69 10.05
C LEU A 363 8.65 17.99 9.40
N GLY A 364 8.07 19.11 9.84
CA GLY A 364 8.51 20.42 9.39
C GLY A 364 8.17 20.73 7.95
N ASP A 365 8.98 21.60 7.33
CA ASP A 365 8.80 22.00 5.94
C ASP A 365 9.48 20.97 5.10
N MET A 366 8.71 20.12 4.46
CA MET A 366 9.32 19.13 3.61
C MET A 366 9.19 19.54 2.14
N GLU A 367 10.08 19.04 1.31
CA GLU A 367 10.00 19.30 -0.12
C GLU A 367 10.44 18.06 -0.85
N ALA A 368 9.96 17.94 -2.08
CA ALA A 368 10.14 16.78 -2.91
C ALA A 368 9.91 17.21 -4.35
N SER A 369 10.25 16.36 -5.29
CA SER A 369 10.16 16.67 -6.72
C SER A 369 8.72 16.53 -7.21
N PRO A 370 8.28 17.44 -8.12
CA PRO A 370 7.06 17.25 -8.91
C PRO A 370 7.01 15.95 -9.70
N LEU A 371 8.13 15.22 -9.77
CA LEU A 371 8.17 13.98 -10.56
C LEU A 371 7.81 12.75 -9.76
N GLU A 372 7.96 12.84 -8.43
CA GLU A 372 8.13 11.66 -7.58
C GLU A 372 7.05 11.44 -6.51
N VAL A 373 6.98 10.20 -6.02
CA VAL A 373 6.30 9.89 -4.77
C VAL A 373 7.39 9.18 -4.00
N LYS A 374 7.65 9.63 -2.78
CA LYS A 374 8.59 8.95 -1.91
C LYS A 374 7.86 7.88 -1.10
N ILE A 375 8.54 6.78 -0.81
CA ILE A 375 7.93 5.60 -0.20
C ILE A 375 8.82 5.08 0.94
N ALA A 376 8.18 4.56 1.97
CA ALA A 376 8.92 3.99 3.09
C ALA A 376 9.63 2.69 2.66
N PHE A 377 10.64 2.33 3.44
CA PHE A 377 11.38 1.11 3.24
C PHE A 377 11.37 0.32 4.51
N ASN A 378 11.43 -1.00 4.36
CA ASN A 378 11.78 -1.83 5.50
C ASN A 378 12.73 -2.88 5.01
N SER A 379 13.07 -3.83 5.90
CA SER A 379 14.01 -4.92 5.61
C SER A 379 13.68 -5.71 4.34
N LYS A 380 12.40 -5.72 3.95
CA LYS A 380 11.99 -6.40 2.72
C LYS A 380 11.88 -5.50 1.49
N GLY A 381 12.14 -4.20 1.63
CA GLY A 381 12.08 -3.29 0.49
C GLY A 381 11.07 -2.17 0.66
N ILE A 382 10.54 -1.70 -0.46
CA ILE A 382 9.57 -0.61 -0.42
C ILE A 382 8.26 -1.09 0.25
N ILE A 383 7.63 -0.18 0.98
CA ILE A 383 6.37 -0.46 1.61
C ILE A 383 5.55 0.83 1.68
N ASN A 384 4.32 0.77 1.19
CA ASN A 384 3.53 1.97 1.03
C ASN A 384 2.78 2.35 2.29
N GLN A 385 3.33 2.01 3.47
CA GLN A 385 2.75 2.39 4.78
C GLN A 385 3.07 3.82 5.16
N GLY A 386 4.01 4.38 4.41
CA GLY A 386 4.39 5.79 4.47
C GLY A 386 4.63 6.25 3.05
N LEU A 387 4.04 7.41 2.70
CA LEU A 387 4.20 7.99 1.35
C LEU A 387 4.23 9.49 1.42
N ILE A 388 5.02 10.10 0.54
CA ILE A 388 5.15 11.55 0.51
C ILE A 388 5.07 11.98 -0.94
N SER A 389 4.20 12.95 -1.23
CA SER A 389 4.05 13.49 -2.57
C SER A 389 3.57 14.92 -2.57
N VAL A 390 4.13 15.73 -3.47
CA VAL A 390 3.52 17.04 -3.78
C VAL A 390 2.28 16.73 -4.59
N LYS A 391 1.29 17.62 -4.53
CA LYS A 391 0.05 17.45 -5.28
C LYS A 391 0.36 17.19 -6.77
N ASP A 392 -0.40 16.28 -7.37
CA ASP A 392 -0.33 15.99 -8.82
C ASP A 392 1.07 15.58 -9.35
N SER A 393 1.93 15.04 -8.48
CA SER A 393 3.26 14.54 -8.92
C SER A 393 3.12 13.56 -10.09
N TYR A 394 4.12 13.49 -10.96
CA TYR A 394 4.06 12.65 -12.14
C TYR A 394 3.89 11.17 -11.76
N CYS A 395 4.68 10.70 -10.79
CA CYS A 395 4.56 9.34 -10.27
C CYS A 395 3.20 9.00 -9.65
N SER A 396 2.57 9.93 -8.93
CA SER A 396 1.27 9.65 -8.35
C SER A 396 0.29 9.24 -9.45
N ASN A 397 0.33 9.96 -10.58
CA ASN A 397 -0.42 9.59 -11.78
C ASN A 397 0.03 8.26 -12.37
N LEU A 398 1.33 7.99 -12.37
CA LEU A 398 1.86 6.70 -12.84
C LEU A 398 1.39 5.52 -11.98
N ILE A 399 1.29 5.73 -10.67
CA ILE A 399 0.86 4.70 -9.75
C ILE A 399 -0.64 4.44 -9.93
N VAL A 400 -1.46 5.50 -9.91
CA VAL A 400 -2.92 5.34 -10.16
C VAL A 400 -3.19 4.47 -11.40
N LYS A 401 -2.51 4.78 -12.50
CA LYS A 401 -2.64 4.06 -13.77
C LYS A 401 -2.14 2.61 -13.71
N GLN A 402 -1.05 2.36 -12.96
CA GLN A 402 -0.59 1.00 -12.71
C GLN A 402 -1.69 0.14 -12.04
N ILE A 403 -2.21 0.66 -10.93
CA ILE A 403 -3.29 0.01 -10.18
C ILE A 403 -4.48 -0.32 -11.08
N GLU A 404 -4.93 0.67 -11.84
CA GLU A 404 -6.04 0.49 -12.76
C GLU A 404 -5.74 -0.50 -13.87
N ASN A 405 -4.53 -0.54 -14.39
CA ASN A 405 -4.24 -1.51 -15.44
C ASN A 405 -4.12 -2.92 -14.85
N ARG A 406 -3.66 -2.98 -13.60
CA ARG A 406 -3.55 -4.25 -12.88
C ARG A 406 -4.93 -4.81 -12.60
N TYR A 407 -5.85 -3.97 -12.11
CA TYR A 407 -7.22 -4.42 -11.90
C TYR A 407 -7.93 -4.77 -13.21
N LYS A 408 -7.66 -4.07 -14.29
CA LYS A 408 -8.26 -4.39 -15.57
C LYS A 408 -7.93 -5.82 -16.00
N ILE A 409 -6.66 -6.21 -15.81
CA ILE A 409 -6.21 -7.57 -16.17
C ILE A 409 -6.87 -8.62 -15.25
N LEU A 410 -6.89 -8.32 -13.95
CA LEU A 410 -7.55 -9.17 -12.96
C LEU A 410 -9.02 -9.43 -13.32
N ASN A 411 -9.78 -8.35 -13.51
CA ASN A 411 -11.22 -8.39 -13.68
C ASN A 411 -11.65 -9.01 -15.01
N ASN A 412 -10.77 -8.94 -16.01
CA ASN A 412 -11.03 -9.54 -17.32
C ASN A 412 -11.13 -11.06 -17.24
N SER A 413 -10.35 -11.66 -16.34
CA SER A 413 -10.39 -13.10 -16.13
C SER A 413 -11.36 -13.45 -14.97
N LEU A 414 -11.40 -12.60 -13.97
CA LEU A 414 -12.19 -12.89 -12.79
C LEU A 414 -13.69 -12.79 -13.03
N ASN A 415 -14.12 -11.71 -13.67
CA ASN A 415 -15.57 -11.48 -13.79
C ASN A 415 -16.30 -12.59 -14.55
N PRO A 416 -15.81 -12.97 -15.75
CA PRO A 416 -16.50 -14.09 -16.39
C PRO A 416 -16.56 -15.35 -15.49
N ALA A 417 -15.46 -15.68 -14.80
CA ALA A 417 -15.42 -16.85 -13.91
C ALA A 417 -16.49 -16.80 -12.83
N ILE A 418 -16.60 -15.66 -12.14
CA ILE A 418 -17.57 -15.48 -11.08
C ILE A 418 -19.01 -15.51 -11.60
N SER A 419 -19.23 -15.00 -12.80
CA SER A 419 -20.57 -14.88 -13.32
C SER A 419 -21.16 -16.23 -13.77
N GLU A 420 -20.30 -17.21 -14.07
CA GLU A 420 -20.68 -18.61 -13.98
C GLU A 420 -20.91 -18.74 -12.48
N ASP A 421 -22.09 -19.13 -12.06
CA ASP A 421 -22.34 -19.04 -10.61
C ASP A 421 -21.98 -20.38 -9.95
N ASN A 422 -20.71 -20.75 -9.99
CA ASN A 422 -20.25 -22.02 -9.43
C ASN A 422 -19.63 -21.82 -8.05
N ASP A 423 -19.31 -22.92 -7.36
CA ASP A 423 -18.70 -22.87 -6.03
C ASP A 423 -17.25 -22.32 -6.04
N PHE A 424 -16.68 -22.20 -4.86
CA PHE A 424 -15.32 -21.71 -4.71
C PHE A 424 -14.29 -22.38 -5.63
N ASN A 425 -14.24 -23.71 -5.60
CA ASN A 425 -13.24 -24.48 -6.33
C ASN A 425 -13.35 -24.43 -7.84
N THR A 426 -14.56 -24.61 -8.35
CA THR A 426 -14.86 -24.43 -9.76
C THR A 426 -14.53 -23.00 -10.21
N THR A 427 -14.90 -22.00 -9.41
CA THR A 427 -14.70 -20.61 -9.79
C THR A 427 -13.19 -20.37 -9.90
N THR A 428 -12.48 -20.76 -8.86
CA THR A 428 -11.04 -20.64 -8.78
C THR A 428 -10.36 -21.25 -10.01
N ASN A 429 -10.75 -22.47 -10.39
CA ASN A 429 -10.11 -23.18 -11.51
C ASN A 429 -10.36 -22.45 -12.81
N THR A 430 -11.55 -21.87 -12.91
CA THR A 430 -11.97 -21.28 -14.16
C THR A 430 -11.14 -20.01 -14.31
N PHE A 431 -11.02 -19.29 -13.20
CA PHE A 431 -10.30 -18.04 -13.11
C PHE A 431 -8.80 -18.21 -13.37
N ILE A 432 -8.22 -19.24 -12.77
CA ILE A 432 -6.83 -19.54 -12.98
C ILE A 432 -6.62 -20.00 -14.45
N ASP A 433 -7.50 -20.82 -14.99
CA ASP A 433 -7.34 -21.25 -16.38
C ASP A 433 -7.29 -20.04 -17.30
N SER A 434 -8.15 -19.06 -17.02
CA SER A 434 -8.20 -17.82 -17.79
C SER A 434 -6.95 -16.96 -17.61
N ILE A 435 -6.58 -16.71 -16.34
CA ILE A 435 -5.30 -16.05 -16.02
C ILE A 435 -4.15 -16.68 -16.81
N MET A 436 -4.07 -18.01 -16.80
CA MET A 436 -3.02 -18.74 -17.50
C MET A 436 -3.04 -18.48 -19.01
N ALA A 437 -4.23 -18.50 -19.62
CA ALA A 437 -4.35 -18.30 -21.08
C ALA A 437 -3.94 -16.87 -21.46
N GLU A 438 -4.08 -15.95 -20.50
CA GLU A 438 -3.83 -14.53 -20.72
C GLU A 438 -2.39 -14.08 -20.40
N ALA A 439 -1.65 -14.89 -19.65
CA ALA A 439 -0.28 -14.57 -19.28
C ALA A 439 0.65 -14.58 -20.49
N ASN A 440 1.62 -13.66 -20.47
CA ASN A 440 2.69 -13.63 -21.46
C ASN A 440 4.04 -13.57 -20.75
N ALA A 441 5.11 -13.36 -21.53
CA ALA A 441 6.46 -13.22 -21.00
C ALA A 441 6.65 -12.07 -20.00
N ASP A 442 6.08 -10.90 -20.25
CA ASP A 442 6.36 -9.78 -19.34
C ASP A 442 5.37 -9.56 -18.15
N ASN A 443 4.31 -10.37 -18.05
CA ASN A 443 3.40 -10.30 -16.88
C ASN A 443 3.24 -11.63 -16.13
N GLY A 444 3.84 -12.70 -16.67
CA GLY A 444 3.79 -14.03 -16.07
C GLY A 444 3.80 -14.05 -14.56
N ARG A 445 4.78 -13.38 -13.95
CA ARG A 445 4.96 -13.46 -12.51
C ARG A 445 3.84 -12.80 -11.75
N PHE A 446 3.40 -11.62 -12.23
CA PHE A 446 2.19 -10.92 -11.76
C PHE A 446 0.95 -11.83 -11.83
N MET A 447 0.80 -12.49 -12.97
CA MET A 447 -0.30 -13.43 -13.23
C MET A 447 -0.32 -14.58 -12.25
N MET A 448 0.85 -15.11 -11.91
CA MET A 448 0.96 -16.17 -10.90
C MET A 448 0.48 -15.73 -9.53
N GLU A 449 0.64 -14.44 -9.22
CA GLU A 449 0.13 -13.89 -7.95
C GLU A 449 -1.37 -13.62 -7.98
N LEU A 450 -1.95 -13.43 -9.15
CA LEU A 450 -3.38 -13.16 -9.20
C LEU A 450 -4.23 -14.40 -8.91
N GLY A 451 -3.76 -15.57 -9.35
CA GLY A 451 -4.48 -16.84 -9.18
C GLY A 451 -5.03 -17.04 -7.78
N LYS A 452 -4.46 -16.32 -6.82
CA LYS A 452 -4.78 -16.48 -5.39
C LYS A 452 -5.76 -15.46 -4.86
N TYR A 453 -6.13 -14.49 -5.71
CA TYR A 453 -6.96 -13.35 -5.32
C TYR A 453 -8.15 -13.67 -4.43
N LEU A 454 -8.87 -14.75 -4.77
CA LEU A 454 -10.13 -15.01 -4.08
C LEU A 454 -10.01 -15.40 -2.58
N ARG A 455 -8.81 -15.75 -2.13
CA ARG A 455 -8.64 -16.18 -0.73
C ARG A 455 -8.08 -15.08 0.14
N VAL A 456 -7.89 -13.89 -0.44
CA VAL A 456 -7.29 -12.78 0.29
C VAL A 456 -8.09 -12.44 1.53
N GLY A 457 -7.42 -12.53 2.67
CA GLY A 457 -7.98 -12.13 3.96
C GLY A 457 -8.49 -13.34 4.71
N PHE A 458 -8.56 -14.49 4.04
CA PHE A 458 -9.28 -15.64 4.59
C PHE A 458 -8.45 -16.90 4.70
N PHE A 459 -7.23 -16.84 4.15
CA PHE A 459 -6.30 -17.96 4.10
C PHE A 459 -4.91 -17.43 4.47
N PRO A 460 -4.07 -18.26 5.13
CA PRO A 460 -2.75 -17.75 5.55
C PRO A 460 -1.83 -17.40 4.39
N ASP A 461 -1.08 -16.31 4.53
CA ASP A 461 -0.03 -15.96 3.58
C ASP A 461 -0.54 -15.83 2.12
N VAL A 462 -1.65 -15.13 1.96
CA VAL A 462 -2.20 -14.79 0.65
C VAL A 462 -2.06 -13.27 0.59
N LYS A 463 -1.13 -12.80 -0.24
CA LYS A 463 -0.72 -11.40 -0.20
C LYS A 463 -0.89 -10.65 -1.53
N THR A 464 -1.71 -11.22 -2.42
CA THR A 464 -2.01 -10.69 -3.77
C THR A 464 -2.18 -9.17 -3.86
N THR A 465 -2.75 -8.56 -2.82
CA THR A 465 -2.96 -7.14 -2.77
C THR A 465 -1.65 -6.40 -3.09
N ILE A 466 -0.55 -6.94 -2.57
CA ILE A 466 0.74 -6.32 -2.72
C ILE A 466 1.09 -6.10 -4.20
N ASN A 467 0.59 -7.00 -5.05
CA ASN A 467 0.89 -7.04 -6.46
C ASN A 467 -0.06 -6.22 -7.32
N LEU A 468 -1.15 -5.82 -6.70
CA LEU A 468 -2.28 -5.22 -7.38
C LEU A 468 -2.41 -3.73 -7.06
N SER A 469 -2.59 -3.40 -5.78
CA SER A 469 -2.77 -2.00 -5.37
C SER A 469 -1.64 -1.52 -4.46
N GLY A 470 -0.78 -2.45 -4.06
CA GLY A 470 0.26 -2.22 -3.07
C GLY A 470 1.66 -2.02 -3.65
N PRO A 471 2.71 -2.30 -2.84
CA PRO A 471 4.08 -1.95 -3.19
C PRO A 471 4.54 -2.24 -4.64
N GLU A 472 4.09 -3.34 -5.23
CA GLU A 472 4.54 -3.66 -6.60
C GLU A 472 4.05 -2.66 -7.64
N ALA A 473 2.89 -2.03 -7.40
CA ALA A 473 2.40 -0.98 -8.29
C ALA A 473 3.32 0.25 -8.29
N TYR A 474 3.87 0.58 -7.12
CA TYR A 474 4.86 1.63 -6.94
C TYR A 474 6.19 1.27 -7.60
N ALA A 475 6.74 0.08 -7.33
CA ALA A 475 7.93 -0.35 -8.04
C ALA A 475 7.74 -0.24 -9.54
N ALA A 476 6.54 -0.57 -10.02
CA ALA A 476 6.27 -0.59 -11.48
C ALA A 476 6.19 0.82 -12.05
N ALA A 477 5.61 1.74 -11.27
CA ALA A 477 5.58 3.16 -11.64
C ALA A 477 6.99 3.74 -11.70
N TYR A 478 7.84 3.40 -10.73
CA TYR A 478 9.23 3.87 -10.72
C TYR A 478 9.95 3.37 -11.94
N GLN A 479 9.68 2.14 -12.34
CA GLN A 479 10.29 1.57 -13.53
C GLN A 479 9.76 2.33 -14.74
N ASP A 480 8.46 2.65 -14.75
CA ASP A 480 7.90 3.50 -15.78
C ASP A 480 8.72 4.79 -15.93
N LEU A 481 8.89 5.52 -14.82
CA LEU A 481 9.66 6.77 -14.81
C LEU A 481 11.08 6.63 -15.36
N LEU A 482 11.84 5.65 -14.87
CA LEU A 482 13.25 5.57 -15.20
C LEU A 482 13.48 4.86 -16.54
N MET A 483 12.48 4.13 -16.99
CA MET A 483 12.50 3.45 -18.29
C MET A 483 11.80 4.27 -19.36
N PHE A 484 11.27 5.44 -18.97
CA PHE A 484 10.64 6.40 -19.88
C PHE A 484 9.48 5.75 -20.61
N LYS A 485 8.58 5.15 -19.85
CA LYS A 485 7.50 4.35 -20.42
C LYS A 485 6.31 4.31 -19.49
N GLU A 486 5.26 3.60 -19.90
CA GLU A 486 4.10 3.35 -19.06
C GLU A 486 3.66 1.89 -19.23
N GLY A 487 3.18 1.29 -18.13
CA GLY A 487 2.63 -0.05 -18.17
C GLY A 487 3.64 -1.16 -17.96
N SER A 488 4.71 -0.88 -17.22
CA SER A 488 5.68 -1.94 -16.85
C SER A 488 4.95 -2.99 -16.01
N MET A 489 5.18 -4.26 -16.35
CA MET A 489 4.56 -5.40 -15.67
C MET A 489 5.63 -6.36 -15.15
N ASN A 490 6.78 -6.37 -15.81
CA ASN A 490 7.95 -7.14 -15.37
C ASN A 490 8.92 -6.21 -14.62
N ILE A 491 8.94 -6.29 -13.28
CA ILE A 491 9.86 -5.48 -12.46
C ILE A 491 11.30 -5.99 -12.47
N HIS A 492 12.21 -5.17 -12.99
CA HIS A 492 13.63 -5.50 -13.08
C HIS A 492 14.49 -4.52 -12.29
N LEU A 493 13.90 -3.42 -11.83
CA LEU A 493 14.60 -2.50 -10.94
C LEU A 493 15.17 -3.19 -9.72
N ILE A 494 16.32 -2.73 -9.23
CA ILE A 494 16.95 -3.30 -8.03
C ILE A 494 16.79 -2.34 -6.84
N GLU A 495 17.19 -2.78 -5.64
CA GLU A 495 17.11 -1.94 -4.44
C GLU A 495 17.60 -0.50 -4.64
N ALA A 496 18.80 -0.37 -5.20
CA ALA A 496 19.48 0.91 -5.39
C ALA A 496 18.67 1.88 -6.24
N ASP A 497 17.99 1.34 -7.26
CA ASP A 497 17.06 2.11 -8.08
C ASP A 497 15.93 2.66 -7.23
N LEU A 498 15.34 1.80 -6.41
CA LEU A 498 14.17 2.14 -5.63
C LEU A 498 14.54 3.06 -4.45
N ARG A 499 15.79 2.95 -3.97
CA ARG A 499 16.35 3.81 -2.93
C ARG A 499 16.32 5.30 -3.26
N ASN A 500 16.34 5.61 -4.53
CA ASN A 500 16.13 6.98 -5.02
C ASN A 500 14.83 7.64 -4.53
N PHE A 501 13.83 6.80 -4.24
CA PHE A 501 12.50 7.30 -3.91
C PHE A 501 12.16 7.12 -2.44
N GLU A 502 13.15 6.86 -1.60
CA GLU A 502 12.86 6.54 -0.20
C GLU A 502 12.53 7.76 0.64
N ILE A 503 11.67 7.55 1.62
CA ILE A 503 11.48 8.51 2.71
C ILE A 503 12.63 8.31 3.69
N SER A 504 13.21 9.41 4.16
CA SER A 504 14.24 9.30 5.16
C SER A 504 13.71 8.50 6.32
N LYS A 505 14.48 7.49 6.75
CA LYS A 505 14.04 6.63 7.83
C LYS A 505 13.66 7.39 9.11
N THR A 506 14.27 8.55 9.34
CA THR A 506 14.02 9.36 10.54
C THR A 506 12.62 9.99 10.62
N ASN A 507 11.95 10.10 9.49
CA ASN A 507 10.58 10.66 9.39
C ASN A 507 9.43 9.73 9.85
N ILE A 508 9.72 8.44 10.06
CA ILE A 508 8.71 7.45 10.50
C ILE A 508 9.33 6.43 11.45
N SER A 509 8.63 6.12 12.52
CA SER A 509 8.91 4.95 13.38
C SER A 509 7.99 3.77 12.98
N GLN A 510 8.51 2.87 12.12
CA GLN A 510 7.75 1.69 11.61
C GLN A 510 7.60 0.47 12.53
N SER A 511 8.53 0.32 13.47
CA SER A 511 8.63 -0.84 14.35
C SER A 511 7.70 -0.68 15.57
N THR A 512 6.42 -0.48 15.27
CA THR A 512 5.42 -0.29 16.33
C THR A 512 4.71 -1.60 16.61
N GLU A 513 4.03 -1.61 17.74
CA GLU A 513 3.27 -2.74 18.20
C GLU A 513 2.18 -3.06 17.21
N GLN A 514 1.35 -2.06 16.86
CA GLN A 514 0.27 -2.34 15.92
C GLN A 514 0.77 -2.86 14.58
N GLU A 515 1.96 -2.43 14.14
CA GLU A 515 2.49 -2.88 12.82
C GLU A 515 2.76 -4.39 12.79
N MET A 516 2.96 -5.01 13.96
CA MET A 516 3.31 -6.44 14.05
C MET A 516 2.12 -7.39 13.83
N ALA A 517 0.90 -6.84 13.77
CA ALA A 517 -0.29 -7.63 13.52
C ALA A 517 -1.06 -7.09 12.32
N SER A 518 -0.97 -7.78 11.19
CA SER A 518 -1.64 -7.38 9.94
C SER A 518 -3.16 -7.56 10.02
N LEU A 519 -3.89 -6.57 9.49
CA LEU A 519 -5.35 -6.53 9.60
C LEU A 519 -6.05 -7.21 8.44
N TRP A 520 -5.31 -7.48 7.35
CA TRP A 520 -5.89 -8.01 6.14
C TRP A 520 -5.26 -9.32 5.69
N SER A 521 -4.24 -9.76 6.43
CA SER A 521 -3.46 -10.95 6.09
C SER A 521 -2.97 -11.53 7.41
N PHE A 522 -2.55 -12.80 7.36
CA PHE A 522 -2.06 -13.50 8.54
C PHE A 522 -1.15 -14.62 8.04
N ASP A 523 -0.12 -14.93 8.81
CA ASP A 523 0.83 -15.95 8.36
C ASP A 523 0.50 -17.33 8.92
N ASP A 524 1.24 -18.35 8.48
CA ASP A 524 0.95 -19.74 8.85
C ASP A 524 0.94 -19.91 10.37
N ALA A 525 1.89 -19.24 11.03
CA ALA A 525 2.04 -19.37 12.46
C ALA A 525 0.75 -18.93 13.10
N ARG A 526 0.29 -17.75 12.69
CA ARG A 526 -0.95 -17.16 13.18
C ARG A 526 -2.19 -17.99 12.84
N ALA A 527 -2.20 -18.58 11.64
CA ALA A 527 -3.28 -19.48 11.19
C ALA A 527 -3.44 -20.67 12.11
N LYS A 528 -2.32 -21.34 12.41
CA LYS A 528 -2.29 -22.42 13.39
C LYS A 528 -2.87 -21.98 14.76
N ALA A 529 -2.44 -20.83 15.27
CA ALA A 529 -2.90 -20.39 16.60
C ALA A 529 -4.37 -19.97 16.60
N GLN A 530 -4.85 -19.45 15.47
CA GLN A 530 -6.28 -19.17 15.30
C GLN A 530 -7.08 -20.48 15.31
N PHE A 531 -6.67 -21.45 14.50
CA PHE A 531 -7.38 -22.70 14.38
C PHE A 531 -7.54 -23.38 15.74
N GLU A 532 -6.49 -23.41 16.55
CA GLU A 532 -6.61 -23.98 17.88
C GLU A 532 -7.43 -23.17 18.84
N GLU A 533 -7.32 -21.85 18.75
CA GLU A 533 -8.22 -20.92 19.44
C GLU A 533 -9.69 -21.26 19.13
N TYR A 534 -10.01 -21.44 17.84
CA TYR A 534 -11.37 -21.77 17.41
C TYR A 534 -11.87 -23.10 17.96
N LYS A 535 -11.01 -24.12 17.91
CA LYS A 535 -11.30 -25.41 18.53
C LYS A 535 -11.72 -25.26 20.00
N ARG A 536 -10.97 -24.48 20.76
CA ARG A 536 -11.25 -24.39 22.20
C ARG A 536 -12.43 -23.45 22.52
N ASN A 537 -12.52 -22.32 21.80
CA ASN A 537 -13.71 -21.44 21.85
C ASN A 537 -15.02 -22.21 21.64
N TYR A 538 -15.03 -23.08 20.64
CA TYR A 538 -16.20 -23.84 20.27
C TYR A 538 -16.59 -24.84 21.34
N PHE A 539 -15.58 -25.54 21.88
CA PHE A 539 -15.74 -26.52 22.93
C PHE A 539 -16.32 -25.85 24.19
N GLU A 540 -15.81 -24.66 24.51
CA GLU A 540 -16.34 -23.90 25.65
C GLU A 540 -17.76 -23.35 25.40
N GLY A 541 -18.18 -23.31 24.12
CA GLY A 541 -19.58 -23.01 23.74
C GLY A 541 -20.62 -24.09 24.03
N ALA A 542 -21.10 -24.09 25.27
CA ALA A 542 -22.37 -24.70 25.69
C ALA A 542 -23.04 -23.66 26.57
N LEU A 543 -22.19 -22.75 27.10
CA LEU A 543 -22.56 -21.48 27.75
C LEU A 543 -23.86 -21.52 28.56
#